data_1CET
#
_entry.id   1CET
#
_cell.length_a   79.930
_cell.length_b   85.440
_cell.length_c   92.190
_cell.angle_alpha   90.00
_cell.angle_beta   90.00
_cell.angle_gamma   90.00
#
_symmetry.space_group_name_H-M   'I 2 2 2'
#
loop_
_entity.id
_entity.type
_entity.pdbx_description
1 polymer 'PROTEIN (L-LACTATE DEHYDROGENASE)'
2 non-polymer N4-(7-CHLORO-QUINOLIN-4-YL)-N1,N1-DIETHYL-PENTANE-1,4-DIAMINE
3 water water
#
_entity_poly.entity_id   1
_entity_poly.type   'polypeptide(L)'
_entity_poly.pdbx_seq_one_letter_code
;MAPKAKIVLVGSGMIGGVMATLIVQKNLGDVVLFDIVKNMPHGKALDTSHTNVMAYSNCKVSGSNTYDDLAGSDVVIVTA
GFTKAPGKSDKEWNRLDLLPLNNKIMIEIGGHIKKNCPNAFIIVVTNPVDVMVQLLHQHSGVPKNKIIGLGGVLDTSRLK
YYISQKLNVCPRDVNAHIVGAHGNKMVLLKRYITVGGIPLQEFINNKLISDAELEAIFDRTVNTALEIVNLHASPYVAPA
AAIIEMAESYLKDLKKVLICSTLLEGQYGHSDIFGGTPVVLGANGVEQVIELQLNSEEKAKFDEAIAETKRMKALA
;
_entity_poly.pdbx_strand_id   A
#
loop_
_chem_comp.id
_chem_comp.type
_chem_comp.name
_chem_comp.formula
CLQ non-polymer N4-(7-CHLORO-QUINOLIN-4-YL)-N1,N1-DIETHYL-PENTANE-1,4-DIAMINE 'C18 H26 Cl N3'
#
# COMPACT_ATOMS: atom_id res chain seq x y z
N ALA A 2 -11.68 24.68 7.35
CA ALA A 2 -11.21 24.66 5.93
C ALA A 2 -11.52 23.30 5.28
N PRO A 3 -11.93 23.30 4.00
CA PRO A 3 -12.25 22.10 3.22
C PRO A 3 -11.00 21.31 2.78
N LYS A 4 -10.04 21.70 3.34
CA LYS A 4 -8.75 20.98 3.19
C LYS A 4 -8.84 19.59 3.81
N ALA A 5 -8.39 18.59 3.07
CA ALA A 5 -8.41 17.23 3.56
C ALA A 5 -7.56 17.10 4.82
N LYS A 6 -7.95 16.19 5.71
CA LYS A 6 -7.19 15.95 6.93
C LYS A 6 -6.69 14.51 6.82
N ILE A 7 -5.37 14.36 6.85
CA ILE A 7 -4.76 13.05 6.74
C ILE A 7 -4.11 12.70 8.05
N VAL A 8 -4.56 11.61 8.65
CA VAL A 8 -4.00 11.17 9.93
C VAL A 8 -3.16 9.94 9.70
N LEU A 9 -1.88 10.06 10.05
CA LEU A 9 -0.94 8.96 9.90
C LEU A 9 -0.82 8.25 11.25
N VAL A 10 -1.51 7.13 11.38
CA VAL A 10 -1.48 6.35 12.62
C VAL A 10 -0.20 5.51 12.61
N GLY A 11 0.84 6.11 13.17
CA GLY A 11 2.16 5.49 13.21
C GLY A 11 3.11 6.55 12.66
N SER A 12 4.04 7.00 13.48
CA SER A 12 4.98 8.04 13.05
C SER A 12 6.41 7.55 12.91
N GLY A 13 6.57 6.38 12.31
CA GLY A 13 7.89 5.82 12.11
C GLY A 13 8.54 6.35 10.85
N MET A 14 9.36 5.51 10.23
CA MET A 14 10.07 5.88 9.01
C MET A 14 9.14 6.12 7.82
N ILE A 15 8.21 5.20 7.58
CA ILE A 15 7.29 5.36 6.46
C ILE A 15 6.41 6.59 6.73
N GLY A 16 6.00 6.77 7.97
CA GLY A 16 5.18 7.91 8.33
C GLY A 16 5.86 9.24 8.03
N GLY A 17 7.15 9.32 8.31
CA GLY A 17 7.91 10.54 8.06
C GLY A 17 7.94 10.94 6.59
N VAL A 18 8.20 9.98 5.72
CA VAL A 18 8.26 10.28 4.29
C VAL A 18 6.87 10.65 3.79
N MET A 19 5.84 9.98 4.30
CA MET A 19 4.49 10.29 3.87
C MET A 19 4.17 11.76 4.20
N ALA A 20 4.53 12.17 5.41
CA ALA A 20 4.27 13.54 5.84
C ALA A 20 5.01 14.50 4.89
N THR A 21 6.28 14.21 4.64
CA THR A 21 7.10 15.04 3.76
C THR A 21 6.47 15.16 2.37
N LEU A 22 6.08 14.01 1.80
CA LEU A 22 5.50 13.99 0.47
C LEU A 22 4.15 14.70 0.41
N ILE A 23 3.38 14.62 1.49
CA ILE A 23 2.09 15.29 1.51
C ILE A 23 2.27 16.81 1.40
N VAL A 24 3.22 17.37 2.15
CA VAL A 24 3.49 18.80 2.09
C VAL A 24 4.01 19.17 0.69
N GLN A 25 4.92 18.35 0.16
CA GLN A 25 5.49 18.61 -1.15
C GLN A 25 4.38 18.75 -2.19
N LYS A 26 3.37 17.89 -2.06
CA LYS A 26 2.25 17.91 -3.00
C LYS A 26 1.07 18.74 -2.50
N ASN A 27 1.22 19.35 -1.32
CA ASN A 27 0.15 20.17 -0.75
C ASN A 27 -1.17 19.38 -0.74
N LEU A 28 -1.10 18.10 -0.39
CA LEU A 28 -2.27 17.21 -0.37
C LEU A 28 -3.29 17.53 0.70
N GLY A 29 -2.83 18.02 1.85
CA GLY A 29 -3.75 18.35 2.92
C GLY A 29 -3.07 18.44 4.26
N ASP A 30 -3.83 18.77 5.30
CA ASP A 30 -3.28 18.86 6.65
C ASP A 30 -2.87 17.46 7.11
N VAL A 31 -1.75 17.39 7.84
CA VAL A 31 -1.23 16.12 8.32
C VAL A 31 -1.11 16.01 9.84
N VAL A 32 -1.47 14.85 10.36
CA VAL A 32 -1.35 14.58 11.78
C VAL A 32 -0.48 13.34 11.90
N LEU A 33 0.64 13.47 12.61
CA LEU A 33 1.54 12.36 12.82
C LEU A 33 1.18 11.83 14.21
N PHE A 34 0.48 10.71 14.25
CA PHE A 34 0.06 10.13 15.53
C PHE A 34 0.84 8.89 15.90
N ASP A 35 1.08 8.75 17.20
CA ASP A 35 1.78 7.59 17.73
C ASP A 35 1.65 7.61 19.22
N ILE A 36 1.97 6.49 19.86
CA ILE A 36 1.88 6.39 21.30
C ILE A 36 3.18 6.78 21.94
N VAL A 37 4.22 6.91 21.12
CA VAL A 37 5.51 7.35 21.62
C VAL A 37 5.35 8.83 21.95
N LYS A 38 5.71 9.22 23.16
CA LYS A 38 5.58 10.61 23.58
C LYS A 38 6.50 11.60 22.86
N ASN A 39 5.91 12.71 22.43
CA ASN A 39 6.61 13.83 21.77
C ASN A 39 7.30 13.65 20.41
N MET A 40 7.82 12.46 20.15
CA MET A 40 8.50 12.21 18.87
C MET A 40 7.68 12.69 17.67
N PRO A 41 6.37 12.36 17.61
CA PRO A 41 5.55 12.81 16.49
C PRO A 41 5.52 14.33 16.40
N HIS A 42 5.57 14.98 17.56
CA HIS A 42 5.57 16.44 17.61
C HIS A 42 6.88 16.94 17.03
N GLY A 43 7.97 16.27 17.36
CA GLY A 43 9.27 16.67 16.86
C GLY A 43 9.41 16.52 15.35
N LYS A 44 8.91 15.42 14.82
CA LYS A 44 8.97 15.16 13.38
C LYS A 44 8.02 16.12 12.66
N ALA A 45 6.89 16.39 13.29
CA ALA A 45 5.90 17.29 12.72
C ALA A 45 6.45 18.71 12.59
N LEU A 46 7.18 19.16 13.61
CA LEU A 46 7.79 20.49 13.60
C LEU A 46 8.80 20.62 12.46
N ASP A 47 9.70 19.64 12.38
CA ASP A 47 10.73 19.60 11.35
C ASP A 47 10.07 19.69 9.97
N THR A 48 9.10 18.80 9.72
CA THR A 48 8.41 18.75 8.44
C THR A 48 7.59 20.00 8.13
N SER A 49 6.96 20.59 9.14
CA SER A 49 6.14 21.77 8.93
C SER A 49 6.87 22.93 8.24
N HIS A 50 8.15 23.08 8.52
CA HIS A 50 8.93 24.18 7.92
C HIS A 50 9.12 24.05 6.40
N THR A 51 8.98 22.84 5.87
CA THR A 51 9.15 22.62 4.43
C THR A 51 8.04 23.26 3.62
N ASN A 52 7.03 23.78 4.31
CA ASN A 52 5.92 24.45 3.61
C ASN A 52 6.45 25.65 2.84
N VAL A 53 7.45 26.31 3.41
CA VAL A 53 8.07 27.48 2.79
C VAL A 53 8.80 27.11 1.51
N MET A 54 9.65 26.10 1.60
CA MET A 54 10.42 25.63 0.44
C MET A 54 9.55 25.09 -0.67
N ALA A 55 8.42 24.48 -0.30
CA ALA A 55 7.52 23.88 -1.29
C ALA A 55 6.33 24.73 -1.72
N TYR A 56 6.23 25.96 -1.22
CA TYR A 56 5.11 26.85 -1.54
C TYR A 56 3.79 26.17 -1.18
N SER A 57 3.76 25.47 -0.06
CA SER A 57 2.54 24.78 0.33
C SER A 57 1.94 25.44 1.56
N ASN A 58 0.78 24.95 1.97
CA ASN A 58 0.10 25.46 3.14
C ASN A 58 -0.63 24.31 3.84
N CYS A 59 0.15 23.34 4.32
CA CYS A 59 -0.41 22.19 5.01
C CYS A 59 0.07 22.17 6.45
N LYS A 60 -0.88 22.10 7.38
CA LYS A 60 -0.52 22.05 8.77
C LYS A 60 0.05 20.67 9.02
N VAL A 61 1.11 20.59 9.79
CA VAL A 61 1.72 19.31 10.13
C VAL A 61 1.88 19.32 11.63
N SER A 62 1.10 18.47 12.30
CA SER A 62 1.14 18.40 13.76
C SER A 62 1.30 16.98 14.28
N GLY A 63 1.83 16.86 15.49
CA GLY A 63 2.01 15.56 16.09
C GLY A 63 0.83 15.30 16.99
N SER A 64 0.72 14.08 17.49
CA SER A 64 -0.39 13.76 18.37
C SER A 64 -0.14 12.46 19.11
N ASN A 65 -0.58 12.42 20.36
CA ASN A 65 -0.45 11.24 21.20
C ASN A 65 -1.83 10.84 21.72
N THR A 66 -2.88 11.42 21.14
CA THR A 66 -4.23 11.09 21.56
C THR A 66 -5.12 10.73 20.36
N TYR A 67 -5.79 9.57 20.47
CA TYR A 67 -6.65 9.08 19.41
C TYR A 67 -7.75 10.06 19.00
N ASP A 68 -8.05 11.00 19.89
CA ASP A 68 -9.07 12.01 19.63
C ASP A 68 -8.83 12.75 18.31
N ASP A 69 -7.56 12.95 17.96
CA ASP A 69 -7.24 13.67 16.73
C ASP A 69 -7.65 12.94 15.45
N LEU A 70 -8.32 11.80 15.59
CA LEU A 70 -8.79 11.05 14.44
C LEU A 70 -10.07 11.71 13.94
N ALA A 71 -10.67 12.54 14.79
CA ALA A 71 -11.91 13.23 14.43
C ALA A 71 -11.72 14.15 13.24
N GLY A 72 -12.65 14.05 12.28
CA GLY A 72 -12.58 14.88 11.10
C GLY A 72 -11.65 14.34 10.04
N SER A 73 -11.06 13.18 10.29
CA SER A 73 -10.15 12.58 9.33
C SER A 73 -10.83 12.16 8.03
N ASP A 74 -10.20 12.52 6.91
CA ASP A 74 -10.72 12.17 5.59
C ASP A 74 -10.01 10.89 5.14
N VAL A 75 -8.73 10.80 5.50
CA VAL A 75 -7.89 9.66 5.15
C VAL A 75 -7.07 9.26 6.36
N VAL A 76 -7.01 7.97 6.64
CA VAL A 76 -6.25 7.45 7.78
C VAL A 76 -5.29 6.39 7.26
N ILE A 77 -4.00 6.59 7.51
CA ILE A 77 -3.00 5.64 7.06
C ILE A 77 -2.31 4.94 8.23
N VAL A 78 -2.53 3.63 8.31
CA VAL A 78 -1.99 2.82 9.40
C VAL A 78 -0.69 2.08 9.10
N THR A 79 0.38 2.46 9.78
CA THR A 79 1.68 1.83 9.61
C THR A 79 2.12 1.24 10.95
N ALA A 80 1.38 1.58 12.01
CA ALA A 80 1.67 1.08 13.35
C ALA A 80 1.72 -0.43 13.37
N GLY A 81 2.54 -0.98 14.26
CA GLY A 81 2.62 -2.43 14.35
C GLY A 81 3.97 -2.96 14.75
N PHE A 82 3.97 -4.03 15.55
CA PHE A 82 5.22 -4.64 15.97
C PHE A 82 5.85 -5.28 14.74
N THR A 83 7.17 -5.30 14.72
CA THR A 83 7.91 -5.87 13.60
C THR A 83 8.90 -6.93 14.10
N ASN A 94 8.79 -16.42 16.14
CA ASN A 94 8.58 -16.31 14.67
C ASN A 94 7.86 -15.01 14.31
N ARG A 95 7.68 -14.81 13.02
CA ARG A 95 6.99 -13.63 12.50
C ARG A 95 5.53 -13.78 12.88
N LEU A 96 5.08 -15.04 12.92
CA LEU A 96 3.71 -15.39 13.24
C LEU A 96 3.33 -15.08 14.68
N ASP A 97 4.31 -14.86 15.54
CA ASP A 97 4.02 -14.57 16.94
C ASP A 97 3.49 -13.15 17.10
N LEU A 98 3.79 -12.30 16.12
CA LEU A 98 3.34 -10.91 16.16
C LEU A 98 1.90 -10.76 15.70
N LEU A 99 1.40 -11.77 14.97
CA LEU A 99 0.04 -11.74 14.45
C LEU A 99 -1.02 -11.36 15.49
N PRO A 100 -1.09 -12.10 16.61
CA PRO A 100 -2.10 -11.75 17.62
C PRO A 100 -1.84 -10.37 18.20
N LEU A 101 -0.58 -10.03 18.39
CA LEU A 101 -0.19 -8.74 18.95
C LEU A 101 -0.62 -7.58 18.04
N ASN A 102 -0.30 -7.68 16.75
CA ASN A 102 -0.67 -6.65 15.81
C ASN A 102 -2.18 -6.57 15.62
N ASN A 103 -2.85 -7.70 15.82
CA ASN A 103 -4.30 -7.70 15.70
C ASN A 103 -4.86 -6.81 16.81
N LYS A 104 -4.20 -6.83 17.97
CA LYS A 104 -4.63 -6.02 19.12
C LYS A 104 -4.51 -4.54 18.77
N ILE A 105 -3.49 -4.19 18.00
CA ILE A 105 -3.30 -2.82 17.58
C ILE A 105 -4.42 -2.46 16.61
N MET A 106 -4.73 -3.38 15.69
CA MET A 106 -5.80 -3.14 14.72
C MET A 106 -7.14 -2.94 15.43
N ILE A 107 -7.37 -3.71 16.50
CA ILE A 107 -8.61 -3.61 17.27
C ILE A 107 -8.73 -2.24 17.93
N GLU A 108 -7.65 -1.80 18.59
CA GLU A 108 -7.64 -0.51 19.25
C GLU A 108 -7.86 0.62 18.27
N ILE A 109 -7.16 0.57 17.14
CA ILE A 109 -7.31 1.62 16.12
C ILE A 109 -8.71 1.56 15.52
N GLY A 110 -9.18 0.36 15.21
CA GLY A 110 -10.51 0.21 14.64
C GLY A 110 -11.63 0.79 15.48
N GLY A 111 -11.54 0.64 16.80
CA GLY A 111 -12.56 1.17 17.67
C GLY A 111 -12.63 2.69 17.62
N HIS A 112 -11.47 3.32 17.54
CA HIS A 112 -11.41 4.78 17.48
C HIS A 112 -11.86 5.29 16.12
N ILE A 113 -11.51 4.59 15.04
CA ILE A 113 -11.93 5.00 13.71
C ILE A 113 -13.46 5.00 13.67
N LYS A 114 -14.05 3.91 14.16
CA LYS A 114 -15.49 3.74 14.19
C LYS A 114 -16.17 4.89 14.94
N LYS A 115 -15.52 5.32 16.02
CA LYS A 115 -16.04 6.39 16.86
C LYS A 115 -15.75 7.81 16.37
N ASN A 116 -14.52 8.04 15.91
CA ASN A 116 -14.11 9.37 15.46
C ASN A 116 -14.23 9.69 13.98
N CYS A 117 -13.98 8.73 13.10
CA CYS A 117 -14.05 9.01 11.67
C CYS A 117 -14.55 7.82 10.85
N PRO A 118 -15.81 7.44 11.04
CA PRO A 118 -16.40 6.30 10.32
C PRO A 118 -16.46 6.47 8.81
N ASN A 119 -16.35 7.71 8.33
CA ASN A 119 -16.43 7.94 6.89
C ASN A 119 -15.07 8.20 6.25
N ALA A 120 -14.01 8.03 7.02
CA ALA A 120 -12.68 8.25 6.51
C ALA A 120 -12.31 7.11 5.57
N PHE A 121 -11.34 7.37 4.69
CA PHE A 121 -10.85 6.36 3.77
C PHE A 121 -9.60 5.80 4.44
N ILE A 122 -9.54 4.48 4.59
CA ILE A 122 -8.41 3.84 5.27
C ILE A 122 -7.46 3.06 4.38
N ILE A 123 -6.16 3.23 4.63
CA ILE A 123 -5.11 2.52 3.90
C ILE A 123 -4.27 1.82 4.97
N VAL A 124 -4.18 0.50 4.88
CA VAL A 124 -3.42 -0.28 5.86
C VAL A 124 -2.08 -0.70 5.28
N VAL A 125 -1.03 -0.57 6.09
CA VAL A 125 0.32 -0.94 5.68
C VAL A 125 0.87 -2.08 6.55
N THR A 126 0.48 -2.08 7.82
CA THR A 126 0.89 -3.09 8.78
C THR A 126 0.92 -4.49 8.19
N ASN A 127 2.04 -5.19 8.37
CA ASN A 127 2.19 -6.54 7.85
C ASN A 127 1.84 -7.66 8.83
N PRO A 128 1.29 -8.78 8.32
CA PRO A 128 1.03 -8.97 6.88
C PRO A 128 -0.20 -8.15 6.48
N VAL A 129 0.00 -7.21 5.57
CA VAL A 129 -1.05 -6.30 5.13
C VAL A 129 -2.38 -6.92 4.75
N ASP A 130 -2.35 -8.00 3.99
CA ASP A 130 -3.57 -8.65 3.52
C ASP A 130 -4.40 -9.20 4.67
N VAL A 131 -3.71 -9.57 5.74
CA VAL A 131 -4.39 -10.06 6.92
C VAL A 131 -4.84 -8.86 7.76
N MET A 132 -3.89 -8.00 8.08
CA MET A 132 -4.16 -6.82 8.91
C MET A 132 -5.25 -5.89 8.37
N VAL A 133 -5.37 -5.80 7.05
CA VAL A 133 -6.36 -4.93 6.46
C VAL A 133 -7.78 -5.43 6.70
N GLN A 134 -7.99 -6.74 6.59
CA GLN A 134 -9.32 -7.30 6.82
C GLN A 134 -9.66 -7.20 8.29
N LEU A 135 -8.67 -7.38 9.15
CA LEU A 135 -8.90 -7.28 10.60
C LEU A 135 -9.38 -5.87 10.94
N LEU A 136 -8.70 -4.86 10.42
CA LEU A 136 -9.11 -3.49 10.69
C LEU A 136 -10.47 -3.20 10.06
N HIS A 137 -10.71 -3.78 8.89
CA HIS A 137 -11.99 -3.57 8.23
C HIS A 137 -13.08 -4.05 9.19
N GLN A 138 -12.87 -5.22 9.78
CA GLN A 138 -13.82 -5.81 10.72
C GLN A 138 -14.01 -5.02 12.01
N HIS A 139 -12.91 -4.56 12.60
CA HIS A 139 -12.97 -3.81 13.85
C HIS A 139 -13.44 -2.37 13.69
N SER A 140 -13.21 -1.79 12.52
CA SER A 140 -13.59 -0.41 12.27
C SER A 140 -15.01 -0.27 11.75
N GLY A 141 -15.48 -1.31 11.07
CA GLY A 141 -16.83 -1.29 10.53
C GLY A 141 -17.07 -0.41 9.31
N VAL A 142 -16.01 0.12 8.70
CA VAL A 142 -16.18 0.98 7.52
C VAL A 142 -16.63 0.15 6.32
N PRO A 143 -17.27 0.79 5.33
CA PRO A 143 -17.71 0.04 4.13
C PRO A 143 -16.52 -0.58 3.42
N LYS A 144 -16.77 -1.65 2.67
CA LYS A 144 -15.72 -2.36 1.94
C LYS A 144 -14.97 -1.48 0.92
N ASN A 145 -15.66 -0.49 0.37
CA ASN A 145 -15.06 0.40 -0.63
C ASN A 145 -14.24 1.53 -0.01
N LYS A 146 -14.14 1.55 1.33
CA LYS A 146 -13.41 2.61 2.01
C LYS A 146 -12.15 2.17 2.75
N ILE A 147 -11.68 0.96 2.46
CA ILE A 147 -10.47 0.49 3.11
C ILE A 147 -9.68 -0.44 2.19
N ILE A 148 -8.39 -0.18 2.05
CA ILE A 148 -7.51 -0.98 1.22
C ILE A 148 -6.16 -1.15 1.90
N GLY A 149 -5.37 -2.08 1.39
CA GLY A 149 -4.04 -2.31 1.95
C GLY A 149 -2.99 -2.07 0.90
N LEU A 150 -1.81 -1.63 1.32
CA LEU A 150 -0.71 -1.38 0.40
C LEU A 150 -0.15 -2.71 -0.05
N GLY A 151 0.11 -2.84 -1.35
CA GLY A 151 0.67 -4.08 -1.87
C GLY A 151 1.22 -3.95 -3.28
N GLY A 152 0.34 -4.17 -4.25
CA GLY A 152 0.73 -4.12 -5.65
C GLY A 152 1.45 -2.89 -6.19
N VAL A 153 1.09 -1.70 -5.72
CA VAL A 153 1.75 -0.50 -6.21
C VAL A 153 3.23 -0.55 -5.85
N LEU A 154 3.54 -0.96 -4.62
CA LEU A 154 4.93 -1.05 -4.18
C LEU A 154 5.67 -2.19 -4.88
N ASP A 155 5.08 -3.38 -4.83
CA ASP A 155 5.70 -4.55 -5.45
C ASP A 155 5.96 -4.36 -6.95
N THR A 156 4.97 -3.84 -7.67
CA THR A 156 5.16 -3.65 -9.11
C THR A 156 6.11 -2.51 -9.45
N SER A 157 6.27 -1.56 -8.54
CA SER A 157 7.19 -0.44 -8.80
C SER A 157 8.60 -1.01 -8.97
N ARG A 158 8.89 -2.10 -8.27
CA ARG A 158 10.20 -2.73 -8.34
C ARG A 158 10.36 -3.40 -9.70
N LEU A 159 9.36 -4.21 -10.06
CA LEU A 159 9.38 -4.92 -11.33
C LEU A 159 9.38 -3.94 -12.51
N LYS A 160 8.56 -2.90 -12.43
CA LYS A 160 8.50 -1.91 -13.49
C LYS A 160 9.86 -1.22 -13.62
N TYR A 161 10.46 -0.88 -12.48
CA TYR A 161 11.74 -0.19 -12.50
C TYR A 161 12.89 -1.03 -13.05
N TYR A 162 13.03 -2.27 -12.58
CA TYR A 162 14.12 -3.11 -13.06
C TYR A 162 14.01 -3.36 -14.57
N ILE A 163 12.81 -3.57 -15.07
CA ILE A 163 12.63 -3.82 -16.50
C ILE A 163 12.94 -2.57 -17.31
N SER A 164 12.56 -1.40 -16.79
CA SER A 164 12.80 -0.15 -17.49
C SER A 164 14.29 0.15 -17.67
N GLN A 165 15.11 -0.30 -16.73
CA GLN A 165 16.54 -0.05 -16.80
C GLN A 165 17.20 -0.95 -17.83
N LYS A 166 16.70 -2.17 -17.95
CA LYS A 166 17.22 -3.12 -18.91
C LYS A 166 16.85 -2.65 -20.32
N LEU A 167 15.66 -2.08 -20.46
CA LEU A 167 15.18 -1.63 -21.77
C LEU A 167 15.47 -0.17 -22.07
N ASN A 168 16.00 0.54 -21.09
CA ASN A 168 16.33 1.96 -21.25
C ASN A 168 15.15 2.82 -21.66
N VAL A 169 14.07 2.73 -20.90
CA VAL A 169 12.88 3.53 -21.16
C VAL A 169 12.46 4.12 -19.82
N CYS A 170 11.59 5.13 -19.88
CA CYS A 170 11.07 5.77 -18.67
C CYS A 170 10.45 4.69 -17.79
N PRO A 171 10.82 4.67 -16.50
CA PRO A 171 10.27 3.66 -15.57
C PRO A 171 8.74 3.52 -15.59
N ARG A 172 8.04 4.65 -15.63
CA ARG A 172 6.59 4.66 -15.65
C ARG A 172 6.00 4.06 -16.95
N ASP A 173 6.82 3.98 -18.00
CA ASP A 173 6.35 3.43 -19.25
C ASP A 173 6.20 1.90 -19.22
N VAL A 174 6.76 1.28 -18.19
CA VAL A 174 6.63 -0.17 -18.05
C VAL A 174 5.46 -0.43 -17.11
N ASN A 175 4.50 -1.24 -17.54
CA ASN A 175 3.38 -1.53 -16.66
C ASN A 175 3.40 -3.03 -16.38
N ALA A 176 3.06 -3.39 -15.14
CA ALA A 176 3.09 -4.79 -14.74
C ALA A 176 2.04 -5.04 -13.67
N HIS A 177 1.72 -6.31 -13.45
CA HIS A 177 0.73 -6.68 -12.47
C HIS A 177 1.20 -7.78 -11.53
N ILE A 178 1.15 -7.50 -10.24
CA ILE A 178 1.51 -8.47 -9.20
C ILE A 178 0.27 -8.54 -8.31
N VAL A 179 -0.30 -9.73 -8.18
CA VAL A 179 -1.53 -9.89 -7.42
C VAL A 179 -1.54 -10.97 -6.34
N GLY A 180 -2.73 -11.20 -5.78
CA GLY A 180 -2.88 -12.22 -4.75
C GLY A 180 -2.62 -11.70 -3.35
N ALA A 181 -1.35 -11.46 -3.05
CA ALA A 181 -0.97 -10.95 -1.74
C ALA A 181 0.36 -10.22 -1.82
N HIS A 182 0.61 -9.40 -0.80
CA HIS A 182 1.87 -8.68 -0.68
C HIS A 182 2.74 -9.71 0.03
N GLY A 183 4.02 -9.77 -0.29
CA GLY A 183 4.85 -10.76 0.38
C GLY A 183 5.35 -11.88 -0.50
N ASN A 184 6.05 -12.82 0.12
CA ASN A 184 6.64 -13.97 -0.54
C ASN A 184 5.74 -14.72 -1.53
N LYS A 185 4.45 -14.74 -1.27
CA LYS A 185 3.51 -15.44 -2.14
C LYS A 185 2.93 -14.55 -3.23
N MET A 186 3.48 -13.34 -3.37
CA MET A 186 2.98 -12.43 -4.40
C MET A 186 3.00 -13.11 -5.76
N VAL A 187 1.97 -12.86 -6.56
CA VAL A 187 1.85 -13.48 -7.88
C VAL A 187 2.27 -12.50 -8.97
N LEU A 188 3.43 -12.74 -9.58
CA LEU A 188 3.92 -11.89 -10.67
C LEU A 188 3.37 -12.45 -11.98
N LEU A 189 2.67 -11.62 -12.75
CA LEU A 189 2.07 -12.07 -14.00
C LEU A 189 2.84 -11.59 -15.22
N LYS A 190 3.77 -12.42 -15.68
CA LYS A 190 4.61 -12.13 -16.83
C LYS A 190 3.81 -11.75 -18.06
N ARG A 191 2.68 -12.42 -18.22
CA ARG A 191 1.76 -12.21 -19.34
C ARG A 191 1.15 -10.82 -19.39
N TYR A 192 1.06 -10.15 -18.24
CA TYR A 192 0.47 -8.81 -18.18
C TYR A 192 1.49 -7.67 -18.11
N ILE A 193 2.71 -7.89 -18.59
CA ILE A 193 3.70 -6.82 -18.57
C ILE A 193 3.76 -6.14 -19.94
N THR A 194 3.80 -4.80 -19.94
CA THR A 194 3.88 -4.04 -21.18
C THR A 194 4.94 -2.95 -21.07
N VAL A 195 5.39 -2.47 -22.21
CA VAL A 195 6.40 -1.42 -22.28
C VAL A 195 5.86 -0.40 -23.29
N GLY A 196 5.52 0.79 -22.81
CA GLY A 196 4.97 1.80 -23.70
C GLY A 196 3.64 1.26 -24.23
N GLY A 197 2.99 0.39 -23.45
CA GLY A 197 1.73 -0.19 -23.85
C GLY A 197 1.86 -1.40 -24.76
N ILE A 198 3.10 -1.74 -25.11
CA ILE A 198 3.39 -2.87 -25.98
C ILE A 198 3.68 -4.13 -25.16
N PRO A 199 3.10 -5.27 -25.56
CA PRO A 199 3.34 -6.51 -24.80
C PRO A 199 4.85 -6.78 -24.70
N LEU A 200 5.32 -7.12 -23.50
CA LEU A 200 6.73 -7.39 -23.26
C LEU A 200 7.26 -8.49 -24.18
N GLN A 201 6.40 -9.47 -24.49
CA GLN A 201 6.82 -10.58 -25.35
C GLN A 201 7.44 -10.11 -26.65
N GLU A 202 6.98 -8.97 -27.17
CA GLU A 202 7.53 -8.46 -28.42
C GLU A 202 8.99 -8.07 -28.25
N PHE A 203 9.32 -7.57 -27.06
CA PHE A 203 10.69 -7.16 -26.76
C PHE A 203 11.56 -8.41 -26.53
N ILE A 204 10.92 -9.49 -26.08
CA ILE A 204 11.63 -10.74 -25.86
C ILE A 204 11.90 -11.36 -27.23
N ASN A 205 10.91 -11.30 -28.12
CA ASN A 205 11.06 -11.84 -29.46
C ASN A 205 12.20 -11.11 -30.17
N ASN A 206 12.38 -9.85 -29.83
CA ASN A 206 13.40 -8.99 -30.42
C ASN A 206 14.79 -9.13 -29.80
N LYS A 207 14.91 -9.95 -28.76
CA LYS A 207 16.19 -10.17 -28.09
C LYS A 207 16.65 -8.93 -27.33
N LEU A 208 15.71 -8.02 -27.05
CA LEU A 208 16.02 -6.79 -26.33
C LEU A 208 16.14 -7.08 -24.84
N ILE A 209 15.47 -8.16 -24.43
CA ILE A 209 15.51 -8.61 -23.04
C ILE A 209 15.22 -10.11 -23.13
N SER A 210 15.95 -10.92 -22.37
CA SER A 210 15.76 -12.36 -22.43
C SER A 210 14.85 -12.90 -21.34
N ASP A 211 14.39 -14.13 -21.53
CA ASP A 211 13.53 -14.78 -20.56
C ASP A 211 14.33 -15.00 -19.28
N ALA A 212 15.61 -15.35 -19.44
CA ALA A 212 16.48 -15.57 -18.28
C ALA A 212 16.66 -14.28 -17.49
N GLU A 213 16.78 -13.16 -18.20
CA GLU A 213 16.95 -11.88 -17.53
C GLU A 213 15.71 -11.57 -16.72
N LEU A 214 14.54 -11.85 -17.30
CA LEU A 214 13.27 -11.59 -16.64
C LEU A 214 13.07 -12.44 -15.40
N GLU A 215 13.47 -13.71 -15.48
CA GLU A 215 13.35 -14.62 -14.36
C GLU A 215 14.15 -14.08 -13.18
N ALA A 216 15.34 -13.55 -13.47
CA ALA A 216 16.20 -13.00 -12.43
C ALA A 216 15.56 -11.74 -11.84
N ILE A 217 14.94 -10.93 -12.70
CA ILE A 217 14.27 -9.71 -12.25
C ILE A 217 13.08 -10.08 -11.37
N PHE A 218 12.40 -11.17 -11.71
CA PHE A 218 11.24 -11.63 -10.94
C PHE A 218 11.65 -12.01 -9.52
N ASP A 219 12.70 -12.81 -9.41
CA ASP A 219 13.21 -13.22 -8.12
C ASP A 219 13.66 -11.97 -7.34
N ARG A 220 14.30 -11.05 -8.04
CA ARG A 220 14.76 -9.82 -7.42
C ARG A 220 13.59 -9.03 -6.85
N THR A 221 12.50 -8.99 -7.61
CA THR A 221 11.30 -8.28 -7.22
C THR A 221 10.71 -8.86 -5.93
N VAL A 222 10.55 -10.18 -5.91
CA VAL A 222 9.99 -10.86 -4.74
C VAL A 222 10.89 -10.67 -3.52
N ASN A 223 12.21 -10.68 -3.71
CA ASN A 223 13.15 -10.54 -2.60
C ASN A 223 13.77 -9.16 -2.38
N THR A 224 13.14 -8.11 -2.90
CA THR A 224 13.69 -6.76 -2.75
C THR A 224 13.82 -6.27 -1.30
N ALA A 225 12.75 -6.41 -0.52
CA ALA A 225 12.81 -5.96 0.88
C ALA A 225 14.01 -6.65 1.52
N LEU A 226 14.09 -7.96 1.34
CA LEU A 226 15.18 -8.75 1.90
C LEU A 226 16.53 -8.26 1.39
N GLU A 227 16.58 -7.90 0.11
CA GLU A 227 17.82 -7.41 -0.47
C GLU A 227 18.23 -6.09 0.17
N ILE A 228 17.26 -5.19 0.35
CA ILE A 228 17.53 -3.89 0.96
C ILE A 228 18.00 -4.06 2.40
N VAL A 229 17.36 -5.00 3.10
CA VAL A 229 17.69 -5.28 4.50
C VAL A 229 19.11 -5.83 4.60
N ASN A 230 19.48 -6.70 3.65
CA ASN A 230 20.81 -7.30 3.67
C ASN A 230 21.89 -6.28 3.35
N LEU A 231 21.50 -5.15 2.75
CA LEU A 231 22.46 -4.10 2.42
C LEU A 231 22.56 -3.13 3.59
N HIS A 232 21.95 -3.51 4.72
CA HIS A 232 21.97 -2.69 5.92
C HIS A 232 21.13 -1.42 5.79
N ALA A 233 19.92 -1.61 5.30
CA ALA A 233 18.95 -0.52 5.14
C ALA A 233 17.60 -1.19 5.30
N SER A 234 16.54 -0.42 5.12
CA SER A 234 15.19 -0.96 5.22
C SER A 234 14.31 -0.18 4.27
N PRO A 235 13.38 -0.87 3.59
CA PRO A 235 12.52 -0.14 2.66
C PRO A 235 11.42 0.68 3.34
N TYR A 236 11.41 1.97 3.07
CA TYR A 236 10.37 2.83 3.64
C TYR A 236 10.06 4.02 2.71
N VAL A 237 10.99 4.37 1.84
CA VAL A 237 10.79 5.49 0.93
C VAL A 237 9.78 5.13 -0.18
N ALA A 238 10.01 4.01 -0.87
CA ALA A 238 9.10 3.57 -1.94
C ALA A 238 7.72 3.27 -1.33
N PRO A 239 7.69 2.51 -0.22
CA PRO A 239 6.40 2.20 0.41
C PRO A 239 5.60 3.48 0.65
N ALA A 240 6.27 4.48 1.20
CA ALA A 240 5.64 5.77 1.48
C ALA A 240 5.14 6.42 0.19
N ALA A 241 5.96 6.39 -0.85
CA ALA A 241 5.59 6.98 -2.13
C ALA A 241 4.41 6.22 -2.77
N ALA A 242 4.41 4.90 -2.63
CA ALA A 242 3.33 4.09 -3.18
C ALA A 242 2.04 4.42 -2.45
N ILE A 243 2.13 4.56 -1.13
CA ILE A 243 0.95 4.87 -0.32
C ILE A 243 0.38 6.22 -0.70
N ILE A 244 1.24 7.21 -0.89
CA ILE A 244 0.79 8.54 -1.27
C ILE A 244 0.15 8.55 -2.67
N GLU A 245 0.63 7.72 -3.58
CA GLU A 245 0.02 7.69 -4.91
C GLU A 245 -1.42 7.23 -4.76
N MET A 246 -1.63 6.26 -3.87
CA MET A 246 -2.96 5.72 -3.60
C MET A 246 -3.85 6.77 -2.94
N ALA A 247 -3.35 7.37 -1.87
CA ALA A 247 -4.10 8.40 -1.15
C ALA A 247 -4.46 9.59 -2.06
N GLU A 248 -3.51 9.96 -2.92
CA GLU A 248 -3.72 11.09 -3.83
C GLU A 248 -4.77 10.78 -4.89
N SER A 249 -4.82 9.54 -5.36
CA SER A 249 -5.82 9.15 -6.36
C SER A 249 -7.20 9.32 -5.76
N TYR A 250 -7.34 8.98 -4.48
CA TYR A 250 -8.60 9.10 -3.78
C TYR A 250 -8.97 10.56 -3.55
N LEU A 251 -8.06 11.31 -2.94
CA LEU A 251 -8.28 12.71 -2.63
C LEU A 251 -8.57 13.60 -3.84
N LYS A 252 -7.88 13.37 -4.93
CA LYS A 252 -8.08 14.17 -6.14
C LYS A 252 -9.02 13.53 -7.16
N ASP A 253 -9.60 12.39 -6.81
CA ASP A 253 -10.52 11.69 -7.69
C ASP A 253 -9.87 11.43 -9.06
N LEU A 254 -8.64 10.95 -9.03
CA LEU A 254 -7.90 10.65 -10.25
C LEU A 254 -8.41 9.42 -10.98
N LYS A 255 -8.96 8.48 -10.23
CA LYS A 255 -9.50 7.23 -10.77
C LYS A 255 -8.40 6.38 -11.41
N LYS A 256 -7.22 6.40 -10.81
CA LYS A 256 -6.09 5.62 -11.29
C LYS A 256 -6.37 4.15 -11.05
N VAL A 257 -5.81 3.29 -11.90
CA VAL A 257 -5.94 1.86 -11.74
C VAL A 257 -4.69 1.50 -10.95
N LEU A 258 -4.88 1.08 -9.70
CA LEU A 258 -3.78 0.72 -8.82
C LEU A 258 -4.06 -0.63 -8.17
N ILE A 259 -3.04 -1.46 -8.07
CA ILE A 259 -3.21 -2.78 -7.47
C ILE A 259 -3.05 -2.67 -5.96
N CYS A 260 -4.14 -2.93 -5.23
CA CYS A 260 -4.14 -2.86 -3.77
C CYS A 260 -4.90 -4.03 -3.18
N SER A 261 -4.72 -4.24 -1.88
CA SER A 261 -5.43 -5.32 -1.20
C SER A 261 -6.85 -4.83 -0.94
N THR A 262 -7.82 -5.56 -1.47
CA THR A 262 -9.23 -5.19 -1.32
C THR A 262 -10.04 -6.44 -1.01
N LEU A 263 -11.25 -6.24 -0.50
CA LEU A 263 -12.13 -7.36 -0.16
C LEU A 263 -12.60 -8.07 -1.43
N LEU A 264 -12.36 -9.38 -1.48
CA LEU A 264 -12.77 -10.17 -2.62
C LEU A 264 -14.16 -10.73 -2.35
N GLU A 265 -15.04 -10.63 -3.34
CA GLU A 265 -16.41 -11.14 -3.19
C GLU A 265 -16.70 -12.13 -4.32
N GLY A 266 -15.82 -13.11 -4.50
CA GLY A 266 -16.04 -14.08 -5.55
C GLY A 266 -15.01 -14.02 -6.67
N GLN A 267 -14.29 -12.90 -6.78
CA GLN A 267 -13.29 -12.78 -7.84
C GLN A 267 -12.21 -13.82 -7.65
N TYR A 268 -11.77 -14.43 -8.75
CA TYR A 268 -10.74 -15.46 -8.72
C TYR A 268 -11.20 -16.69 -7.94
N GLY A 269 -12.48 -16.73 -7.58
CA GLY A 269 -13.01 -17.85 -6.83
C GLY A 269 -12.87 -17.72 -5.32
N HIS A 270 -12.52 -16.53 -4.85
CA HIS A 270 -12.35 -16.29 -3.42
C HIS A 270 -13.32 -15.25 -2.86
N SER A 271 -13.75 -15.47 -1.63
CA SER A 271 -14.69 -14.59 -0.95
C SER A 271 -14.32 -14.41 0.52
N ASP A 272 -14.86 -13.36 1.13
CA ASP A 272 -14.63 -13.07 2.54
C ASP A 272 -13.15 -13.07 2.90
N ILE A 273 -12.35 -12.46 2.04
CA ILE A 273 -10.90 -12.38 2.25
C ILE A 273 -10.38 -11.22 1.41
N PHE A 274 -9.27 -10.63 1.83
CA PHE A 274 -8.68 -9.51 1.08
C PHE A 274 -7.51 -10.04 0.27
N GLY A 275 -7.35 -9.53 -0.95
CA GLY A 275 -6.26 -9.97 -1.79
C GLY A 275 -5.87 -8.85 -2.74
N GLY A 276 -4.64 -8.93 -3.25
CA GLY A 276 -4.17 -7.91 -4.17
C GLY A 276 -4.74 -8.06 -5.56
N THR A 277 -5.30 -6.97 -6.08
CA THR A 277 -5.88 -6.98 -7.42
C THR A 277 -6.04 -5.53 -7.85
N PRO A 278 -6.00 -5.28 -9.18
CA PRO A 278 -6.17 -3.90 -9.61
C PRO A 278 -7.56 -3.38 -9.26
N VAL A 279 -7.61 -2.14 -8.77
CA VAL A 279 -8.87 -1.50 -8.42
C VAL A 279 -8.77 -0.06 -8.94
N VAL A 280 -9.88 0.65 -8.92
CA VAL A 280 -9.89 2.04 -9.36
C VAL A 280 -10.20 2.89 -8.12
N LEU A 281 -9.28 3.79 -7.76
CA LEU A 281 -9.48 4.65 -6.59
C LEU A 281 -9.87 6.07 -7.01
N GLY A 282 -11.03 6.51 -6.53
CA GLY A 282 -11.51 7.84 -6.83
C GLY A 282 -12.18 8.43 -5.61
N ALA A 283 -12.96 9.49 -5.79
CA ALA A 283 -13.63 10.16 -4.67
C ALA A 283 -14.53 9.22 -3.86
N ASN A 284 -15.01 8.15 -4.48
CA ASN A 284 -15.86 7.19 -3.79
C ASN A 284 -15.09 5.98 -3.26
N GLY A 285 -13.79 6.14 -3.11
CA GLY A 285 -12.95 5.06 -2.62
C GLY A 285 -12.66 4.04 -3.70
N VAL A 286 -12.88 2.77 -3.39
CA VAL A 286 -12.68 1.71 -4.36
C VAL A 286 -13.93 1.74 -5.24
N GLU A 287 -13.83 2.41 -6.38
CA GLU A 287 -14.96 2.54 -7.28
C GLU A 287 -15.16 1.34 -8.19
N GLN A 288 -14.10 0.58 -8.40
CA GLN A 288 -14.17 -0.61 -9.23
C GLN A 288 -13.12 -1.62 -8.77
N VAL A 289 -13.51 -2.88 -8.75
CA VAL A 289 -12.58 -3.95 -8.39
C VAL A 289 -12.42 -4.67 -9.73
N ILE A 290 -11.22 -4.65 -10.29
CA ILE A 290 -10.98 -5.30 -11.57
C ILE A 290 -10.45 -6.72 -11.38
N GLU A 291 -11.09 -7.66 -12.07
CA GLU A 291 -10.67 -9.06 -11.99
C GLU A 291 -9.97 -9.44 -13.27
N LEU A 292 -8.68 -9.75 -13.16
CA LEU A 292 -7.89 -10.15 -14.31
C LEU A 292 -8.35 -11.53 -14.73
N GLN A 293 -8.47 -11.75 -16.04
CA GLN A 293 -8.90 -13.04 -16.55
C GLN A 293 -7.70 -13.99 -16.60
N LEU A 294 -7.26 -14.42 -15.42
CA LEU A 294 -6.13 -15.32 -15.30
C LEU A 294 -6.42 -16.73 -15.81
N ASN A 295 -5.37 -17.41 -16.26
CA ASN A 295 -5.52 -18.79 -16.72
C ASN A 295 -5.41 -19.68 -15.48
N SER A 296 -5.61 -20.98 -15.65
CA SER A 296 -5.55 -21.90 -14.53
C SER A 296 -4.21 -21.88 -13.80
N GLU A 297 -3.12 -21.72 -14.52
CA GLU A 297 -1.80 -21.69 -13.90
C GLU A 297 -1.60 -20.48 -12.99
N GLU A 298 -2.01 -19.32 -13.47
CA GLU A 298 -1.88 -18.10 -12.68
C GLU A 298 -2.82 -18.17 -11.49
N LYS A 299 -4.02 -18.71 -11.72
CA LYS A 299 -5.03 -18.86 -10.69
C LYS A 299 -4.52 -19.76 -9.57
N ALA A 300 -3.75 -20.78 -9.93
CA ALA A 300 -3.20 -21.71 -8.95
C ALA A 300 -2.29 -20.98 -7.98
N LYS A 301 -1.51 -20.05 -8.52
CA LYS A 301 -0.58 -19.25 -7.72
C LYS A 301 -1.33 -18.27 -6.83
N PHE A 302 -2.41 -17.70 -7.36
CA PHE A 302 -3.24 -16.77 -6.61
C PHE A 302 -3.81 -17.56 -5.42
N ASP A 303 -4.28 -18.77 -5.69
CA ASP A 303 -4.85 -19.63 -4.63
C ASP A 303 -3.83 -19.78 -3.50
N GLU A 304 -2.58 -19.97 -3.89
CA GLU A 304 -1.50 -20.14 -2.93
C GLU A 304 -1.36 -18.90 -2.05
N ALA A 305 -1.48 -17.74 -2.67
CA ALA A 305 -1.37 -16.47 -1.94
C ALA A 305 -2.48 -16.37 -0.91
N ILE A 306 -3.71 -16.61 -1.34
CA ILE A 306 -4.87 -16.53 -0.45
C ILE A 306 -4.75 -17.52 0.71
N ALA A 307 -4.27 -18.73 0.42
CA ALA A 307 -4.08 -19.76 1.44
C ALA A 307 -3.17 -19.29 2.58
N GLU A 308 -2.08 -18.62 2.23
CA GLU A 308 -1.14 -18.13 3.24
C GLU A 308 -1.78 -17.02 4.07
N THR A 309 -2.59 -16.19 3.43
CA THR A 309 -3.28 -15.10 4.12
C THR A 309 -4.28 -15.69 5.13
N LYS A 310 -5.01 -16.71 4.70
CA LYS A 310 -5.98 -17.37 5.55
C LYS A 310 -5.26 -18.05 6.71
N ARG A 311 -4.12 -18.65 6.42
CA ARG A 311 -3.33 -19.33 7.44
C ARG A 311 -2.99 -18.35 8.55
N MET A 312 -2.43 -17.20 8.17
CA MET A 312 -2.04 -16.21 9.15
C MET A 312 -3.23 -15.54 9.83
N LYS A 313 -4.32 -15.36 9.09
CA LYS A 313 -5.51 -14.74 9.65
C LYS A 313 -5.99 -15.59 10.82
N ALA A 314 -5.96 -16.91 10.64
CA ALA A 314 -6.40 -17.84 11.67
C ALA A 314 -5.59 -17.74 12.96
N LEU A 315 -4.37 -17.21 12.90
CA LEU A 315 -3.53 -17.11 14.09
C LEU A 315 -3.59 -15.77 14.81
N ALA A 316 -4.41 -14.84 14.30
CA ALA A 316 -4.52 -13.53 14.91
C ALA A 316 -5.56 -13.50 16.02
CL CLQ B . 0.41 4.48 16.23
N1 CLQ B . 2.47 0.74 19.11
C1 CLQ B . 2.43 -0.29 19.98
C2 CLQ B . 1.22 -0.72 20.53
C3 CLQ B . -0.04 -0.05 20.21
C4 CLQ B . 0.00 1.08 19.26
C5 CLQ B . -1.16 1.84 18.81
C6 CLQ B . -1.03 2.90 17.89
C7 CLQ B . 0.27 3.21 17.38
C8 CLQ B . 1.42 2.51 17.77
C9 CLQ B . 1.31 1.45 18.71
N2 CLQ B . -1.24 -0.45 20.74
C10 CLQ B . -1.47 -1.47 21.81
C11 CLQ B . -0.76 -1.03 23.11
C12 CLQ B . -1.27 0.25 23.76
C13 CLQ B . -0.23 0.76 24.75
N3 CLQ B . 0.07 -0.21 25.86
C14 CLQ B . 1.40 0.12 26.58
C15 CLQ B . 1.82 -0.78 27.74
C16 CLQ B . -1.13 -0.50 26.73
C17 CLQ B . -1.43 0.55 27.75
C18 CLQ B . -2.96 -1.71 22.01
#